data_7W7X
#
_entry.id   7W7X
#
_cell.length_a   56.408
_cell.length_b   104.878
_cell.length_c   132.906
_cell.angle_alpha   90.0
_cell.angle_beta   90.0
_cell.angle_gamma   90.0
#
_symmetry.space_group_name_H-M   'P 2 21 21'
#
loop_
_entity.id
_entity.type
_entity.pdbx_description
1 polymer 'Tyrosine-protein kinase ABL1'
2 non-polymer 5-[5-(dimethylcarbamoyl)pyridin-3-yl]-3-(5-fluorosulfonyloxy-2-methoxy-phenyl)-1H-pyrrolo[2,3-b]pyridine
3 water water
#
_entity_poly.entity_id   1
_entity_poly.type   'polypeptide(L)'
_entity_poly.pdbx_seq_one_letter_code
;SPNYDKWEMERTDITMKHKLGGGQYGEVYEGVWKKYSLTVAVKTLKEDTMEVEEFLKEAAVMKEIKHPNLVQLLGVCTRE
PPFYIITEFMTYGNLLDYLRECNRQEVNAVVLLYMATQISSAMEYLEKKNFIHRDLAARNCLVGENHLVKVADFGLSRLM
TGDT(PTR)TAHAGAKFPIKWTAPESLAYNKFSIKSDVWAFGVLLWEIATYGMSPYPGIDLSQVYELLEKDYRMERPEGC
PEKVYELMRACWQWNPSDRPSFAEIHQAFETMFQES
;
_entity_poly.pdbx_strand_id   A,B
#
loop_
_chem_comp.id
_chem_comp.type
_chem_comp.name
_chem_comp.formula
8DW non-polymer 5-[5-(dimethylcarbamoyl)pyridin-3-yl]-3-(5-fluorosulfonyloxy-2-methoxy-phenyl)-1H-pyrrolo[2,3-b]pyridine 'C22 H19 F N4 O5 S'
#
# COMPACT_ATOMS: atom_id res chain seq x y z
N TYR A 4 11.69 1.20 20.46
CA TYR A 4 11.41 2.47 19.79
C TYR A 4 10.48 3.33 20.64
N ASP A 5 9.28 3.61 20.13
CA ASP A 5 8.32 4.36 20.92
C ASP A 5 7.73 3.47 22.01
N LYS A 6 6.82 4.01 22.80
CA LYS A 6 6.18 3.28 23.89
C LYS A 6 5.40 2.05 23.41
N TRP A 7 5.03 2.05 22.13
CA TRP A 7 4.24 0.97 21.56
C TRP A 7 4.99 -0.33 21.24
N GLU A 8 6.29 -0.25 21.01
CA GLU A 8 7.06 -1.43 20.63
C GLU A 8 7.11 -2.46 21.76
N MET A 9 6.83 -3.72 21.44
CA MET A 9 6.96 -4.76 22.45
C MET A 9 7.67 -5.98 21.87
N GLU A 10 8.21 -6.81 22.75
CA GLU A 10 8.92 -8.01 22.32
C GLU A 10 7.94 -9.05 21.82
N ARG A 11 8.26 -9.72 20.71
CA ARG A 11 7.39 -10.75 20.14
C ARG A 11 7.12 -11.84 21.17
N THR A 12 8.11 -12.07 22.02
CA THR A 12 8.03 -13.13 23.03
C THR A 12 7.06 -12.79 24.14
N ASP A 13 6.59 -11.53 24.19
CA ASP A 13 5.56 -11.17 25.16
C ASP A 13 4.26 -11.86 24.83
N ILE A 14 4.12 -12.28 23.57
CA ILE A 14 2.88 -12.84 23.05
C ILE A 14 2.98 -14.32 22.69
N THR A 15 1.98 -15.09 23.09
CA THR A 15 1.83 -16.48 22.64
C THR A 15 0.63 -16.57 21.70
N MET A 16 0.85 -17.07 20.49
CA MET A 16 -0.22 -17.16 19.51
C MET A 16 -1.13 -18.35 19.73
N LYS A 17 -2.41 -18.19 19.41
CA LYS A 17 -3.34 -19.31 19.43
C LYS A 17 -3.81 -19.54 17.99
N HIS A 18 -5.10 -19.78 17.80
CA HIS A 18 -5.59 -20.08 16.46
C HIS A 18 -6.00 -18.83 15.68
N LYS A 19 -6.05 -18.95 14.36
CA LYS A 19 -6.52 -17.88 13.49
C LYS A 19 -7.99 -17.56 13.76
N LEU A 20 -8.29 -16.27 13.75
CA LEU A 20 -9.60 -15.70 14.09
C LEU A 20 -10.60 -15.61 12.93
N GLY A 21 -11.88 -15.45 13.29
CA GLY A 21 -12.95 -15.14 12.35
C GLY A 21 -13.12 -16.05 11.14
N GLY A 22 -12.66 -17.30 11.27
CA GLY A 22 -12.71 -18.26 10.18
C GLY A 22 -11.80 -17.85 9.03
N GLY A 23 -10.85 -16.96 9.31
CA GLY A 23 -9.90 -16.47 8.32
C GLY A 23 -10.39 -15.34 7.43
N GLN A 24 -11.61 -14.87 7.64
CA GLN A 24 -12.19 -13.83 6.78
C GLN A 24 -11.42 -12.50 6.83
N TYR A 25 -10.66 -12.28 7.90
CA TYR A 25 -9.87 -11.06 8.02
C TYR A 25 -8.39 -11.28 7.72
N GLY A 26 -8.08 -12.46 7.19
CA GLY A 26 -6.70 -12.83 6.88
C GLY A 26 -5.92 -13.35 8.08
N GLU A 27 -4.65 -12.96 8.17
CA GLU A 27 -3.75 -13.48 9.21
C GLU A 27 -3.92 -12.79 10.55
N VAL A 28 -5.09 -12.99 11.14
CA VAL A 28 -5.41 -12.42 12.43
C VAL A 28 -5.65 -13.56 13.43
N TYR A 29 -4.94 -13.52 14.55
CA TYR A 29 -4.96 -14.60 15.53
C TYR A 29 -5.43 -14.17 16.90
N GLU A 30 -6.03 -15.10 17.62
CA GLU A 30 -6.23 -14.92 19.04
C GLU A 30 -4.86 -15.22 19.64
N GLY A 31 -4.48 -14.44 20.65
CA GLY A 31 -3.19 -14.65 21.30
C GLY A 31 -3.33 -14.29 22.75
N VAL A 32 -2.26 -14.55 23.51
CA VAL A 32 -2.21 -14.20 24.90
C VAL A 32 -1.00 -13.32 25.17
N TRP A 33 -1.25 -12.21 25.83
CA TRP A 33 -0.23 -11.34 26.34
C TRP A 33 0.09 -11.94 27.72
N LYS A 34 1.16 -12.74 27.76
CA LYS A 34 1.45 -13.64 28.88
C LYS A 34 1.54 -12.94 30.22
N LYS A 35 2.20 -11.79 30.19
CA LYS A 35 2.46 -10.95 31.35
C LYS A 35 1.18 -10.62 32.14
N TYR A 36 0.13 -10.28 31.40
CA TYR A 36 -1.18 -9.94 31.97
C TYR A 36 -2.24 -11.03 31.87
N SER A 37 -1.85 -12.21 31.38
CA SER A 37 -2.79 -13.31 31.18
C SER A 37 -3.93 -12.82 30.28
N LEU A 38 -3.62 -11.93 29.36
CA LEU A 38 -4.66 -11.22 28.61
C LEU A 38 -4.88 -11.73 27.20
N THR A 39 -6.12 -12.10 26.86
CA THR A 39 -6.39 -12.47 25.49
C THR A 39 -6.36 -11.21 24.62
N VAL A 40 -5.68 -11.29 23.49
CA VAL A 40 -5.52 -10.17 22.58
C VAL A 40 -5.73 -10.66 21.17
N ALA A 41 -5.90 -9.73 20.23
CA ALA A 41 -5.97 -10.04 18.81
C ALA A 41 -4.64 -9.62 18.21
N VAL A 42 -4.08 -10.44 17.35
CA VAL A 42 -2.77 -10.15 16.77
C VAL A 42 -2.84 -10.29 15.25
N LYS A 43 -2.57 -9.21 14.55
CA LYS A 43 -2.45 -9.32 13.10
C LYS A 43 -0.99 -9.45 12.72
N THR A 44 -0.70 -10.42 11.85
CA THR A 44 0.68 -10.72 11.42
C THR A 44 0.79 -10.58 9.92
N LEU A 45 2.02 -10.54 9.44
CA LEU A 45 2.28 -10.44 8.01
C LEU A 45 3.03 -11.65 7.49
N LYS A 46 2.40 -12.41 6.59
CA LYS A 46 3.06 -13.50 5.89
C LYS A 46 3.56 -13.06 4.51
N GLU A 47 2.63 -12.63 3.65
CA GLU A 47 2.94 -12.07 2.34
C GLU A 47 1.67 -11.53 1.67
N MET A 50 -0.10 -8.53 1.82
CA MET A 50 -0.03 -7.08 2.00
C MET A 50 1.42 -6.61 2.02
N GLU A 51 1.69 -5.51 1.32
CA GLU A 51 3.04 -4.97 1.27
C GLU A 51 3.43 -4.46 2.68
N VAL A 52 4.70 -4.58 3.02
CA VAL A 52 5.18 -4.29 4.38
C VAL A 52 4.97 -2.85 4.83
N GLU A 53 5.31 -1.91 3.95
CA GLU A 53 5.26 -0.51 4.33
C GLU A 53 3.83 -0.07 4.64
N GLU A 54 2.87 -0.61 3.90
CA GLU A 54 1.47 -0.28 4.14
C GLU A 54 1.00 -0.83 5.50
N PHE A 55 1.44 -2.03 5.82
CA PHE A 55 1.16 -2.66 7.12
C PHE A 55 1.67 -1.79 8.27
N LEU A 56 2.93 -1.36 8.14
CA LEU A 56 3.55 -0.57 9.18
C LEU A 56 2.84 0.78 9.32
N LYS A 57 2.43 1.35 8.18
CA LYS A 57 1.68 2.61 8.24
C LYS A 57 0.34 2.43 8.96
N GLU A 58 -0.32 1.30 8.73
CA GLU A 58 -1.60 1.08 9.42
C GLU A 58 -1.41 1.04 10.92
N ALA A 59 -0.33 0.41 11.36
CA ALA A 59 0.01 0.43 12.78
C ALA A 59 0.23 1.86 13.27
N ALA A 60 0.96 2.64 12.46
CA ALA A 60 1.29 4.00 12.84
C ALA A 60 0.02 4.84 13.03
N VAL A 61 -0.95 4.68 12.14
CA VAL A 61 -2.21 5.41 12.26
C VAL A 61 -2.97 4.96 13.51
N MET A 62 -2.99 3.65 13.76
CA MET A 62 -3.71 3.15 14.93
C MET A 62 -3.16 3.71 16.24
N LYS A 63 -1.86 4.02 16.27
CA LYS A 63 -1.29 4.63 17.47
C LYS A 63 -2.02 5.92 17.86
N GLU A 64 -2.56 6.62 16.86
CA GLU A 64 -3.21 7.92 17.09
C GLU A 64 -4.67 7.82 17.49
N ILE A 65 -5.23 6.62 17.39
CA ILE A 65 -6.66 6.44 17.60
C ILE A 65 -6.96 6.14 19.07
N LYS A 66 -7.82 6.95 19.69
CA LYS A 66 -8.20 6.76 21.08
C LYS A 66 -9.66 7.13 21.29
N HIS A 67 -10.53 6.12 21.32
CA HIS A 67 -11.96 6.33 21.44
C HIS A 67 -12.60 5.06 21.98
N PRO A 68 -13.61 5.18 22.84
CA PRO A 68 -14.24 3.99 23.41
C PRO A 68 -14.85 3.02 22.39
N ASN A 69 -15.21 3.51 21.21
CA ASN A 69 -15.79 2.60 20.21
C ASN A 69 -14.93 2.34 18.97
N LEU A 70 -13.62 2.54 19.11
CA LEU A 70 -12.67 2.11 18.09
C LEU A 70 -11.70 1.11 18.73
N VAL A 71 -11.45 -0.01 18.06
CA VAL A 71 -10.58 -1.05 18.62
C VAL A 71 -9.25 -0.44 19.09
N GLN A 72 -8.89 -0.71 20.33
CA GLN A 72 -7.71 -0.08 20.91
C GLN A 72 -6.42 -0.85 20.62
N LEU A 73 -5.44 -0.13 20.07
CA LEU A 73 -4.13 -0.69 19.83
C LEU A 73 -3.45 -0.93 21.18
N LEU A 74 -2.80 -2.08 21.33
CA LEU A 74 -2.11 -2.36 22.60
C LEU A 74 -0.61 -2.33 22.39
N GLY A 75 -0.17 -2.81 21.24
CA GLY A 75 1.26 -2.89 21.05
C GLY A 75 1.59 -3.23 19.61
N VAL A 76 2.88 -3.23 19.31
CA VAL A 76 3.33 -3.43 17.97
C VAL A 76 4.71 -4.14 18.02
N CYS A 77 4.98 -5.02 17.05
CA CYS A 77 6.29 -5.66 16.90
C CYS A 77 6.78 -5.35 15.49
N THR A 78 7.62 -4.31 15.38
CA THR A 78 8.06 -3.81 14.08
C THR A 78 9.56 -3.72 13.88
N ARG A 79 10.34 -4.26 14.82
CA ARG A 79 11.79 -4.26 14.68
C ARG A 79 12.18 -5.23 13.57
N GLU A 80 11.69 -6.46 13.69
CA GLU A 80 12.04 -7.53 12.78
C GLU A 80 10.86 -8.44 12.49
N PRO A 81 10.82 -9.03 11.28
CA PRO A 81 9.78 -10.01 10.94
C PRO A 81 9.78 -11.21 11.88
N PRO A 82 8.62 -11.83 12.11
CA PRO A 82 7.32 -11.41 11.57
C PRO A 82 6.76 -10.20 12.31
N PHE A 83 6.16 -9.27 11.59
CA PHE A 83 5.62 -8.07 12.21
C PHE A 83 4.26 -8.34 12.86
N TYR A 84 4.00 -7.69 14.00
CA TYR A 84 2.74 -7.85 14.75
C TYR A 84 2.06 -6.53 14.99
N ILE A 85 0.74 -6.55 14.92
CA ILE A 85 -0.08 -5.48 15.45
C ILE A 85 -0.98 -6.12 16.50
N ILE A 86 -0.83 -5.71 17.75
CA ILE A 86 -1.57 -6.28 18.87
C ILE A 86 -2.65 -5.31 19.36
N THR A 87 -3.89 -5.79 19.43
CA THR A 87 -5.02 -4.99 19.88
C THR A 87 -5.84 -5.77 20.89
N GLU A 88 -6.77 -5.07 21.53
CA GLU A 88 -7.71 -5.69 22.44
C GLU A 88 -8.54 -6.71 21.69
N PHE A 89 -9.03 -7.70 22.42
CA PHE A 89 -9.85 -8.77 21.86
C PHE A 89 -11.30 -8.55 22.27
N MET A 90 -12.19 -8.60 21.28
CA MET A 90 -13.62 -8.41 21.47
C MET A 90 -14.30 -9.76 21.52
N THR A 91 -14.77 -10.13 22.71
CA THR A 91 -15.19 -11.49 23.01
C THR A 91 -16.21 -12.11 22.05
N TYR A 92 -17.16 -11.30 21.61
CA TYR A 92 -18.26 -11.84 20.79
C TYR A 92 -18.09 -11.76 19.28
N GLY A 93 -16.90 -11.43 18.81
CA GLY A 93 -16.63 -11.48 17.38
C GLY A 93 -17.31 -10.37 16.62
N ASN A 94 -17.55 -10.58 15.33
CA ASN A 94 -18.07 -9.50 14.49
C ASN A 94 -19.58 -9.30 14.63
N LEU A 95 -20.02 -8.06 14.44
CA LEU A 95 -21.41 -7.67 14.63
C LEU A 95 -22.39 -8.39 13.70
N LEU A 96 -21.95 -8.73 12.49
CA LEU A 96 -22.86 -9.40 11.55
C LEU A 96 -23.31 -10.76 12.08
N ASP A 97 -22.36 -11.61 12.43
CA ASP A 97 -22.70 -12.92 12.99
C ASP A 97 -23.43 -12.75 14.33
N TYR A 98 -23.05 -11.74 15.09
CA TYR A 98 -23.69 -11.48 16.38
C TYR A 98 -25.19 -11.21 16.22
N LEU A 99 -25.51 -10.33 15.29
CA LEU A 99 -26.90 -10.00 15.00
C LEU A 99 -27.63 -11.23 14.47
N ARG A 100 -26.97 -11.98 13.59
CA ARG A 100 -27.64 -13.15 13.01
C ARG A 100 -27.96 -14.23 14.05
N GLU A 101 -27.09 -14.35 15.04
CA GLU A 101 -27.22 -15.46 15.99
C GLU A 101 -27.85 -15.05 17.32
N CYS A 102 -28.17 -13.79 17.51
CA CYS A 102 -28.58 -13.34 18.84
C CYS A 102 -29.99 -13.80 19.24
N ASN A 103 -30.25 -13.64 20.53
CA ASN A 103 -31.58 -13.75 21.11
C ASN A 103 -32.19 -12.37 20.96
N ARG A 104 -33.17 -12.22 20.07
CA ARG A 104 -33.72 -10.88 19.80
C ARG A 104 -34.55 -10.30 20.95
N GLN A 105 -34.94 -11.12 21.91
CA GLN A 105 -35.60 -10.58 23.11
C GLN A 105 -34.58 -9.81 23.95
N GLU A 106 -33.34 -10.26 23.93
CA GLU A 106 -32.24 -9.56 24.60
C GLU A 106 -31.71 -8.43 23.72
N VAL A 107 -31.38 -8.73 22.48
CA VAL A 107 -30.91 -7.72 21.54
C VAL A 107 -32.13 -7.12 20.86
N ASN A 108 -32.84 -6.30 21.64
CA ASN A 108 -34.12 -5.73 21.21
C ASN A 108 -33.92 -4.32 20.67
N ALA A 109 -35.02 -3.60 20.45
CA ALA A 109 -34.96 -2.31 19.76
C ALA A 109 -34.03 -1.31 20.45
N VAL A 110 -34.08 -1.29 21.77
CA VAL A 110 -33.25 -0.36 22.52
C VAL A 110 -31.77 -0.69 22.29
N VAL A 111 -31.43 -1.98 22.27
CA VAL A 111 -30.05 -2.37 22.02
C VAL A 111 -29.62 -1.98 20.60
N LEU A 112 -30.51 -2.11 19.62
CA LEU A 112 -30.12 -1.69 18.27
C LEU A 112 -29.79 -0.21 18.23
N LEU A 113 -30.60 0.58 18.95
CA LEU A 113 -30.30 2.02 19.04
C LEU A 113 -28.95 2.28 19.71
N TYR A 114 -28.69 1.51 20.76
CA TYR A 114 -27.42 1.61 21.50
C TYR A 114 -26.24 1.33 20.58
N MET A 115 -26.38 0.29 19.76
CA MET A 115 -25.35 -0.07 18.81
C MET A 115 -25.08 1.02 17.79
N ALA A 116 -26.16 1.58 17.23
CA ALA A 116 -26.00 2.65 16.25
C ALA A 116 -25.36 3.88 16.89
N THR A 117 -25.72 4.17 18.13
CA THR A 117 -25.18 5.32 18.83
C THR A 117 -23.67 5.16 19.02
N GLN A 118 -23.25 3.97 19.42
CA GLN A 118 -21.83 3.69 19.62
C GLN A 118 -21.01 3.82 18.32
N ILE A 119 -21.53 3.19 17.28
CA ILE A 119 -20.84 3.24 15.98
C ILE A 119 -20.75 4.69 15.48
N SER A 120 -21.86 5.42 15.57
CA SER A 120 -21.85 6.81 15.10
C SER A 120 -20.94 7.66 15.99
N SER A 121 -20.77 7.29 17.26
CA SER A 121 -19.80 8.03 18.09
C SER A 121 -18.38 7.85 17.54
N ALA A 122 -18.03 6.61 17.21
CA ALA A 122 -16.70 6.35 16.62
C ALA A 122 -16.51 7.12 15.31
N MET A 123 -17.53 7.11 14.47
CA MET A 123 -17.40 7.79 13.17
C MET A 123 -17.35 9.31 13.32
N GLU A 124 -18.05 9.84 14.32
CA GLU A 124 -17.96 11.26 14.63
C GLU A 124 -16.53 11.61 15.05
N TYR A 125 -15.92 10.72 15.82
CA TYR A 125 -14.53 10.92 16.21
C TYR A 125 -13.60 10.92 14.96
N LEU A 126 -13.75 9.93 14.08
CA LEU A 126 -12.91 9.90 12.86
C LEU A 126 -13.11 11.16 12.01
N GLU A 127 -14.37 11.60 11.93
CA GLU A 127 -14.74 12.79 11.17
C GLU A 127 -14.02 14.02 11.74
N LYS A 128 -14.01 14.11 13.07
CA LYS A 128 -13.33 15.21 13.74
C LYS A 128 -11.81 15.17 13.51
N LYS A 129 -11.26 13.97 13.52
CA LYS A 129 -9.80 13.79 13.45
C LYS A 129 -9.23 13.64 12.03
N ASN A 130 -10.04 13.91 11.02
CA ASN A 130 -9.60 13.81 9.63
C ASN A 130 -9.12 12.42 9.21
N PHE A 131 -9.90 11.40 9.54
CA PHE A 131 -9.66 10.05 9.03
C PHE A 131 -10.89 9.60 8.27
N ILE A 132 -10.72 8.66 7.34
CA ILE A 132 -11.85 7.98 6.73
C ILE A 132 -11.63 6.50 6.89
N HIS A 133 -12.71 5.75 6.92
CA HIS A 133 -12.65 4.32 7.17
C HIS A 133 -12.63 3.51 5.87
N ARG A 134 -13.61 3.77 5.01
CA ARG A 134 -13.70 3.20 3.66
C ARG A 134 -14.19 1.75 3.57
N ASP A 135 -14.47 1.12 4.70
CA ASP A 135 -15.08 -0.20 4.66
C ASP A 135 -16.02 -0.43 5.84
N LEU A 136 -16.88 0.54 6.09
CA LEU A 136 -17.86 0.41 7.17
C LEU A 136 -18.90 -0.62 6.78
N ALA A 137 -19.12 -1.59 7.66
CA ALA A 137 -20.10 -2.66 7.44
C ALA A 137 -20.20 -3.45 8.73
N ALA A 138 -21.28 -4.21 8.92
CA ALA A 138 -21.41 -4.97 10.15
C ALA A 138 -20.26 -5.98 10.36
N ARG A 139 -19.77 -6.56 9.27
CA ARG A 139 -18.65 -7.52 9.37
C ARG A 139 -17.38 -6.90 9.96
N ASN A 140 -17.28 -5.57 9.89
CA ASN A 140 -16.10 -4.87 10.40
C ASN A 140 -16.36 -4.11 11.70
N CYS A 141 -17.44 -4.47 12.38
CA CYS A 141 -17.68 -3.99 13.72
C CYS A 141 -17.56 -5.21 14.63
N LEU A 142 -17.10 -4.99 15.86
CA LEU A 142 -16.85 -6.07 16.80
C LEU A 142 -17.62 -5.86 18.07
N VAL A 143 -17.98 -6.96 18.74
CA VAL A 143 -18.87 -6.88 19.89
C VAL A 143 -18.24 -7.47 21.15
N GLY A 144 -18.38 -6.76 22.26
CA GLY A 144 -17.86 -7.26 23.54
C GLY A 144 -19.07 -7.51 24.44
N GLU A 145 -18.80 -7.72 25.73
CA GLU A 145 -19.90 -7.95 26.66
C GLU A 145 -20.86 -6.77 26.73
N ASN A 146 -22.12 -7.09 27.04
CA ASN A 146 -23.16 -6.08 27.25
C ASN A 146 -23.36 -5.17 26.05
N HIS A 147 -23.26 -5.77 24.86
CA HIS A 147 -23.55 -5.13 23.59
C HIS A 147 -22.61 -3.96 23.30
N LEU A 148 -21.41 -4.01 23.86
CA LEU A 148 -20.40 -3.01 23.53
C LEU A 148 -20.01 -3.19 22.08
N VAL A 149 -19.96 -2.11 21.30
CA VAL A 149 -19.57 -2.26 19.90
C VAL A 149 -18.38 -1.37 19.58
N LYS A 150 -17.40 -1.91 18.87
CA LYS A 150 -16.26 -1.12 18.44
C LYS A 150 -16.04 -1.29 16.95
N VAL A 151 -15.64 -0.21 16.28
CA VAL A 151 -15.36 -0.29 14.86
C VAL A 151 -13.89 -0.72 14.65
N ALA A 152 -13.68 -1.68 13.77
CA ALA A 152 -12.33 -2.10 13.42
C ALA A 152 -11.63 -0.96 12.69
N ASP A 153 -10.42 -0.64 13.10
CA ASP A 153 -9.73 0.54 12.60
C ASP A 153 -8.38 0.24 11.96
N PHE A 154 -8.18 -1.00 11.55
CA PHE A 154 -7.03 -1.26 10.69
C PHE A 154 -7.51 -0.87 9.31
N GLY A 155 -6.75 -0.03 8.62
CA GLY A 155 -7.13 0.38 7.29
C GLY A 155 -7.58 1.82 7.18
N LEU A 156 -7.53 2.55 8.30
CA LEU A 156 -7.92 3.96 8.26
C LEU A 156 -6.93 4.73 7.39
N SER A 157 -7.43 5.79 6.74
CA SER A 157 -6.60 6.66 5.90
C SER A 157 -6.69 8.10 6.42
N ARG A 158 -5.60 8.85 6.32
CA ARG A 158 -5.63 10.25 6.71
C ARG A 158 -6.22 11.03 5.55
N LEU A 159 -7.19 11.89 5.84
CA LEU A 159 -7.86 12.67 4.81
C LEU A 159 -8.55 13.86 5.47
N MET A 160 -8.15 15.07 5.13
CA MET A 160 -8.73 16.25 5.76
C MET A 160 -10.22 16.20 5.49
N THR A 161 -10.99 16.25 6.57
CA THR A 161 -12.45 16.08 6.50
C THR A 161 -13.03 17.05 5.48
N GLY A 162 -13.64 16.50 4.44
CA GLY A 162 -14.13 17.32 3.35
C GLY A 162 -13.32 17.15 2.07
N ASP A 163 -12.14 16.56 2.16
CA ASP A 163 -11.36 16.28 0.95
C ASP A 163 -11.75 14.93 0.39
N THR A 164 -11.26 14.62 -0.80
CA THR A 164 -11.59 13.38 -1.49
C THR A 164 -10.34 12.51 -1.73
N PTR A 165 -10.47 11.23 -1.41
CA PTR A 165 -9.44 10.23 -1.74
C PTR A 165 -9.87 9.47 -3.00
O PTR A 165 -11.00 9.01 -3.10
CB PTR A 165 -9.28 9.29 -0.54
CG PTR A 165 -8.56 7.97 -0.81
CD1 PTR A 165 -9.26 6.86 -1.24
CD2 PTR A 165 -7.18 7.84 -0.62
CE1 PTR A 165 -8.62 5.67 -1.48
CE2 PTR A 165 -6.52 6.63 -0.85
CZ PTR A 165 -7.26 5.55 -1.30
OH PTR A 165 -6.77 4.37 -1.54
P PTR A 165 -5.30 3.88 -1.99
O1P PTR A 165 -4.58 3.36 -0.75
O2P PTR A 165 -4.56 4.98 -2.66
O3P PTR A 165 -5.50 2.73 -2.97
N THR A 166 -8.96 9.36 -3.95
CA THR A 166 -9.25 8.63 -5.20
C THR A 166 -8.57 7.26 -5.13
N ALA A 167 -9.36 6.18 -5.14
CA ALA A 167 -8.80 4.85 -4.96
C ALA A 167 -8.03 4.39 -6.19
N HIS A 168 -7.10 3.45 -5.99
CA HIS A 168 -6.27 2.97 -7.08
C HIS A 168 -7.09 2.34 -8.19
N ALA A 169 -6.58 2.50 -9.41
CA ALA A 169 -7.21 1.95 -10.59
C ALA A 169 -7.35 0.43 -10.45
N GLY A 170 -8.52 -0.09 -10.82
CA GLY A 170 -8.79 -1.51 -10.77
C GLY A 170 -9.20 -2.02 -9.40
N ALA A 171 -9.32 -1.11 -8.44
CA ALA A 171 -9.71 -1.53 -7.10
C ALA A 171 -11.10 -2.13 -7.15
N LYS A 172 -11.33 -3.14 -6.33
CA LYS A 172 -12.63 -3.79 -6.26
C LYS A 172 -13.29 -3.42 -4.94
N PHE A 173 -14.57 -3.05 -4.97
CA PHE A 173 -15.24 -2.59 -3.75
C PHE A 173 -16.34 -3.54 -3.33
N PRO A 174 -16.75 -3.48 -2.03
CA PRO A 174 -17.95 -4.19 -1.63
C PRO A 174 -19.16 -3.38 -2.12
N ILE A 175 -19.65 -3.78 -3.28
CA ILE A 175 -20.58 -2.96 -4.05
C ILE A 175 -21.79 -2.45 -3.29
N LYS A 176 -22.45 -3.33 -2.54
CA LYS A 176 -23.67 -2.98 -1.82
C LYS A 176 -23.48 -1.99 -0.66
N TRP A 177 -22.24 -1.79 -0.23
CA TRP A 177 -21.96 -0.78 0.81
C TRP A 177 -21.36 0.50 0.24
N THR A 178 -21.12 0.51 -1.06
CA THR A 178 -20.27 1.53 -1.67
C THR A 178 -21.05 2.72 -2.27
N ALA A 179 -20.67 3.94 -1.93
CA ALA A 179 -21.37 5.14 -2.43
C ALA A 179 -21.28 5.25 -3.95
N PRO A 180 -22.29 5.89 -4.57
CA PRO A 180 -22.30 6.00 -6.04
C PRO A 180 -21.07 6.70 -6.62
N GLU A 181 -20.61 7.78 -5.99
CA GLU A 181 -19.41 8.46 -6.48
C GLU A 181 -18.17 7.55 -6.36
N SER A 182 -18.17 6.65 -5.39
CA SER A 182 -17.08 5.69 -5.27
C SER A 182 -17.16 4.63 -6.37
N LEU A 183 -18.37 4.14 -6.61
CA LEU A 183 -18.58 3.14 -7.64
C LEU A 183 -18.19 3.68 -9.02
N ALA A 184 -18.65 4.88 -9.32
CA ALA A 184 -18.43 5.49 -10.64
C ALA A 184 -17.03 6.07 -10.83
N TYR A 185 -16.53 6.77 -9.83
CA TYR A 185 -15.30 7.54 -10.01
C TYR A 185 -14.18 7.22 -9.04
N ASN A 186 -14.34 6.15 -8.26
CA ASN A 186 -13.33 5.75 -7.27
C ASN A 186 -13.09 6.84 -6.23
N LYS A 187 -14.10 7.67 -5.99
CA LYS A 187 -13.92 8.78 -5.04
C LYS A 187 -14.52 8.45 -3.69
N PHE A 188 -13.71 8.63 -2.66
CA PHE A 188 -14.14 8.37 -1.29
C PHE A 188 -13.96 9.60 -0.42
N SER A 189 -14.80 9.75 0.60
CA SER A 189 -14.67 10.88 1.51
C SER A 189 -15.40 10.48 2.78
N ILE A 190 -15.43 11.36 3.77
CA ILE A 190 -16.20 11.06 4.97
C ILE A 190 -17.69 10.86 4.60
N LYS A 191 -18.15 11.52 3.53
CA LYS A 191 -19.52 11.33 3.05
C LYS A 191 -19.82 9.95 2.45
N SER A 192 -18.82 9.30 1.86
CA SER A 192 -19.00 7.91 1.42
C SER A 192 -19.01 6.97 2.65
N ASP A 193 -18.29 7.34 3.69
CA ASP A 193 -18.40 6.62 4.95
C ASP A 193 -19.85 6.79 5.48
N VAL A 194 -20.42 7.99 5.33
CA VAL A 194 -21.82 8.20 5.77
C VAL A 194 -22.78 7.30 4.99
N TRP A 195 -22.57 7.19 3.69
CA TRP A 195 -23.40 6.28 2.88
C TRP A 195 -23.33 4.83 3.40
N ALA A 196 -22.10 4.36 3.60
CA ALA A 196 -21.89 3.00 4.13
C ALA A 196 -22.54 2.84 5.51
N PHE A 197 -22.48 3.89 6.33
CA PHE A 197 -23.11 3.84 7.65
C PHE A 197 -24.60 3.62 7.47
N GLY A 198 -25.20 4.25 6.46
CA GLY A 198 -26.61 4.02 6.19
C GLY A 198 -26.89 2.54 5.89
N VAL A 199 -26.03 1.94 5.07
CA VAL A 199 -26.19 0.49 4.81
C VAL A 199 -26.03 -0.36 6.10
N LEU A 200 -25.06 0.02 6.93
CA LEU A 200 -24.85 -0.65 8.21
C LEU A 200 -26.10 -0.51 9.11
N LEU A 201 -26.75 0.64 9.08
CA LEU A 201 -27.99 0.83 9.83
C LEU A 201 -29.02 -0.16 9.35
N TRP A 202 -29.05 -0.36 8.03
CA TRP A 202 -30.00 -1.31 7.47
C TRP A 202 -29.66 -2.75 7.94
N GLU A 203 -28.38 -3.09 7.98
CA GLU A 203 -27.94 -4.39 8.48
C GLU A 203 -28.37 -4.60 9.92
N ILE A 204 -28.23 -3.56 10.73
CA ILE A 204 -28.61 -3.63 12.14
C ILE A 204 -30.12 -3.83 12.29
N ALA A 205 -30.90 -3.04 11.54
CA ALA A 205 -32.35 -3.11 11.63
C ALA A 205 -32.89 -4.46 11.18
N THR A 206 -32.18 -5.15 10.30
CA THR A 206 -32.64 -6.43 9.77
C THR A 206 -31.96 -7.60 10.48
N TYR A 207 -31.22 -7.30 11.54
CA TYR A 207 -30.44 -8.31 12.24
C TYR A 207 -29.51 -9.09 11.30
N GLY A 208 -28.83 -8.38 10.40
CA GLY A 208 -27.77 -8.98 9.61
C GLY A 208 -28.19 -9.60 8.27
N MET A 209 -29.28 -9.11 7.72
CA MET A 209 -29.68 -9.56 6.39
C MET A 209 -28.72 -8.97 5.36
N SER A 210 -28.57 -9.67 4.24
CA SER A 210 -27.74 -9.16 3.14
C SER A 210 -28.49 -8.03 2.41
N PRO A 211 -27.83 -6.88 2.20
CA PRO A 211 -28.52 -5.74 1.56
C PRO A 211 -28.89 -5.98 0.09
N TYR A 212 -29.85 -5.22 -0.43
CA TYR A 212 -30.31 -5.37 -1.82
C TYR A 212 -30.53 -6.82 -2.20
N PRO A 213 -31.40 -7.53 -1.45
CA PRO A 213 -31.51 -8.99 -1.61
C PRO A 213 -31.84 -9.38 -3.03
N GLY A 214 -31.04 -10.27 -3.60
CA GLY A 214 -31.31 -10.85 -4.92
C GLY A 214 -30.96 -9.94 -6.09
N ILE A 215 -30.55 -8.72 -5.78
CA ILE A 215 -30.29 -7.76 -6.84
C ILE A 215 -28.91 -7.95 -7.43
N ASP A 216 -28.87 -8.01 -8.76
CA ASP A 216 -27.64 -8.21 -9.52
C ASP A 216 -26.69 -7.05 -9.21
N LEU A 217 -25.50 -7.39 -8.75
CA LEU A 217 -24.50 -6.38 -8.36
C LEU A 217 -24.19 -5.39 -9.49
N SER A 218 -24.17 -5.91 -10.71
CA SER A 218 -23.85 -5.10 -11.88
C SER A 218 -24.91 -4.03 -12.14
N GLN A 219 -26.11 -4.21 -11.57
CA GLN A 219 -27.18 -3.22 -11.72
C GLN A 219 -27.34 -2.27 -10.52
N VAL A 220 -26.61 -2.51 -9.43
CA VAL A 220 -26.85 -1.68 -8.26
C VAL A 220 -26.66 -0.18 -8.57
N TYR A 221 -25.57 0.16 -9.25
CA TYR A 221 -25.31 1.56 -9.57
C TYR A 221 -26.46 2.14 -10.38
N GLU A 222 -26.90 1.39 -11.38
CA GLU A 222 -27.93 1.89 -12.29
C GLU A 222 -29.18 2.20 -11.46
N LEU A 223 -29.50 1.29 -10.54
CA LEU A 223 -30.66 1.48 -9.69
C LEU A 223 -30.51 2.73 -8.84
N LEU A 224 -29.33 2.93 -8.29
CA LEU A 224 -29.12 4.06 -7.39
C LEU A 224 -29.33 5.35 -8.18
N GLU A 225 -28.92 5.34 -9.45
CA GLU A 225 -29.07 6.53 -10.28
C GLU A 225 -30.55 6.91 -10.40
N LYS A 226 -31.41 5.91 -10.48
CA LYS A 226 -32.83 6.15 -10.74
C LYS A 226 -33.59 6.34 -9.43
N ASP A 227 -32.84 6.58 -8.34
CA ASP A 227 -33.38 6.85 -7.01
C ASP A 227 -34.05 5.61 -6.41
N TYR A 228 -33.59 4.42 -6.79
CA TYR A 228 -33.99 3.25 -6.02
C TYR A 228 -33.20 3.21 -4.71
N ARG A 229 -33.88 2.91 -3.61
CA ARG A 229 -33.23 2.69 -2.31
C ARG A 229 -33.92 1.52 -1.61
N MET A 230 -33.21 0.82 -0.73
CA MET A 230 -33.81 -0.26 0.03
C MET A 230 -35.00 0.23 0.83
N GLU A 231 -36.04 -0.59 0.92
CA GLU A 231 -37.25 -0.21 1.64
C GLU A 231 -37.00 -0.25 3.14
N ARG A 232 -37.88 0.40 3.89
CA ARG A 232 -37.79 0.41 5.34
C ARG A 232 -37.91 -1.02 5.88
N PRO A 233 -36.93 -1.45 6.69
CA PRO A 233 -37.05 -2.81 7.22
C PRO A 233 -38.24 -2.97 8.16
N GLU A 234 -38.76 -4.18 8.27
CA GLU A 234 -39.88 -4.44 9.17
C GLU A 234 -39.47 -4.08 10.60
N GLY A 235 -40.32 -3.32 11.29
CA GLY A 235 -40.06 -2.92 12.67
C GLY A 235 -39.14 -1.73 12.83
N CYS A 236 -38.58 -1.23 11.72
CA CYS A 236 -37.69 -0.09 11.79
C CYS A 236 -38.49 1.20 12.00
N PRO A 237 -38.14 1.99 13.04
CA PRO A 237 -38.85 3.24 13.32
C PRO A 237 -38.72 4.22 12.15
N GLU A 238 -39.75 5.01 11.85
CA GLU A 238 -39.66 5.91 10.70
C GLU A 238 -38.50 6.90 10.82
N LYS A 239 -38.19 7.37 12.03
CA LYS A 239 -37.08 8.31 12.21
C LYS A 239 -35.74 7.70 11.84
N VAL A 240 -35.55 6.44 12.20
CA VAL A 240 -34.29 5.75 11.87
C VAL A 240 -34.22 5.56 10.35
N TYR A 241 -35.34 5.19 9.74
CA TYR A 241 -35.35 5.02 8.29
C TYR A 241 -35.07 6.35 7.58
N GLU A 242 -35.62 7.45 8.09
CA GLU A 242 -35.34 8.77 7.53
C GLU A 242 -33.86 9.08 7.58
N LEU A 243 -33.22 8.73 8.70
CA LEU A 243 -31.76 8.92 8.81
C LEU A 243 -31.02 8.09 7.79
N MET A 244 -31.46 6.85 7.64
CA MET A 244 -30.89 5.93 6.64
C MET A 244 -30.95 6.57 5.25
N ARG A 245 -32.15 7.02 4.88
CA ARG A 245 -32.38 7.62 3.57
C ARG A 245 -31.57 8.89 3.36
N ALA A 246 -31.38 9.66 4.43
CA ALA A 246 -30.54 10.84 4.38
C ALA A 246 -29.10 10.44 4.08
N CYS A 247 -28.64 9.34 4.68
CA CYS A 247 -27.29 8.85 4.40
C CYS A 247 -27.14 8.46 2.94
N TRP A 248 -28.24 8.09 2.29
CA TRP A 248 -28.17 7.66 0.91
C TRP A 248 -28.58 8.76 -0.10
N GLN A 249 -28.44 10.03 0.26
CA GLN A 249 -28.66 11.09 -0.75
C GLN A 249 -27.62 10.94 -1.87
N TRP A 250 -28.03 11.19 -3.11
CA TRP A 250 -27.13 11.03 -4.25
C TRP A 250 -25.89 11.92 -4.12
N ASN A 251 -26.13 13.20 -3.84
CA ASN A 251 -25.03 14.17 -3.70
C ASN A 251 -24.41 14.08 -2.31
N PRO A 252 -23.12 13.76 -2.24
CA PRO A 252 -22.45 13.55 -0.94
C PRO A 252 -22.62 14.71 0.03
N SER A 253 -22.64 15.93 -0.50
CA SER A 253 -22.78 17.12 0.34
C SER A 253 -24.18 17.25 0.97
N ASP A 254 -25.18 16.54 0.43
CA ASP A 254 -26.52 16.52 1.02
C ASP A 254 -26.64 15.53 2.19
N ARG A 255 -25.68 14.63 2.32
CA ARG A 255 -25.71 13.65 3.41
C ARG A 255 -25.34 14.32 4.74
N PRO A 256 -25.93 13.86 5.86
CA PRO A 256 -25.61 14.47 7.15
C PRO A 256 -24.18 14.19 7.59
N SER A 257 -23.67 14.97 8.53
CA SER A 257 -22.37 14.69 9.12
C SER A 257 -22.53 13.62 10.18
N PHE A 258 -21.43 12.98 10.59
CA PHE A 258 -21.53 12.01 11.66
C PHE A 258 -21.86 12.69 13.00
N ALA A 259 -21.48 13.95 13.16
CA ALA A 259 -21.86 14.69 14.37
C ALA A 259 -23.40 14.79 14.46
N GLU A 260 -24.03 15.09 13.33
CA GLU A 260 -25.50 15.18 13.27
C GLU A 260 -26.16 13.82 13.53
N ILE A 261 -25.62 12.79 12.90
CA ILE A 261 -26.13 11.43 13.03
C ILE A 261 -26.03 10.94 14.46
N HIS A 262 -24.86 11.14 15.05
CA HIS A 262 -24.65 10.72 16.43
C HIS A 262 -25.57 11.48 17.38
N GLN A 263 -25.73 12.78 17.16
CA GLN A 263 -26.64 13.54 18.02
C GLN A 263 -28.06 12.96 17.94
N ALA A 264 -28.50 12.64 16.72
CA ALA A 264 -29.86 12.09 16.54
C ALA A 264 -30.02 10.73 17.26
N PHE A 265 -29.05 9.85 17.10
CA PHE A 265 -29.14 8.56 17.77
C PHE A 265 -29.01 8.69 19.29
N GLU A 266 -28.14 9.57 19.78
CA GLU A 266 -28.02 9.75 21.22
C GLU A 266 -29.37 10.19 21.78
N THR A 267 -30.01 11.14 21.09
CA THR A 267 -31.33 11.60 21.54
C THR A 267 -32.33 10.45 21.56
N MET A 268 -32.37 9.66 20.48
CA MET A 268 -33.32 8.55 20.42
C MET A 268 -33.07 7.49 21.48
N PHE A 269 -31.80 7.16 21.70
CA PHE A 269 -31.43 6.15 22.68
C PHE A 269 -31.82 6.65 24.07
N GLN A 270 -31.54 7.91 24.34
CA GLN A 270 -31.85 8.49 25.63
C GLN A 270 -33.36 8.57 25.86
N GLU A 271 -34.11 8.81 24.80
CA GLU A 271 -35.57 8.91 24.93
C GLU A 271 -36.22 7.53 25.01
N SER A 272 -35.42 6.48 24.94
CA SER A 272 -35.95 5.12 25.04
C SER A 272 -36.05 4.71 26.50
N TYR B 4 20.89 -23.64 -8.03
CA TYR B 4 21.08 -23.34 -9.44
C TYR B 4 20.31 -24.29 -10.37
N ASP B 5 20.38 -25.59 -10.09
CA ASP B 5 19.66 -26.57 -10.89
C ASP B 5 18.16 -26.49 -10.66
N LYS B 6 17.75 -26.11 -9.46
CA LYS B 6 16.33 -25.95 -9.13
C LYS B 6 15.70 -24.84 -9.98
N TRP B 7 16.54 -23.92 -10.43
CA TRP B 7 16.10 -22.80 -11.26
C TRP B 7 15.92 -23.18 -12.74
N GLU B 8 16.60 -24.24 -13.17
CA GLU B 8 16.55 -24.65 -14.57
C GLU B 8 15.17 -25.11 -15.01
N MET B 9 14.73 -24.62 -16.17
CA MET B 9 13.47 -25.01 -16.76
C MET B 9 13.66 -25.33 -18.23
N GLU B 10 12.74 -26.11 -18.80
CA GLU B 10 12.79 -26.39 -20.22
C GLU B 10 12.28 -25.14 -20.94
N ARG B 11 12.92 -24.77 -22.05
CA ARG B 11 12.51 -23.60 -22.82
C ARG B 11 11.05 -23.72 -23.30
N THR B 12 10.61 -24.96 -23.50
CA THR B 12 9.28 -25.27 -24.02
C THR B 12 8.14 -24.99 -23.03
N ASP B 13 8.48 -24.74 -21.77
CA ASP B 13 7.48 -24.38 -20.77
C ASP B 13 6.87 -23.02 -21.06
N ILE B 14 7.58 -22.25 -21.87
CA ILE B 14 7.22 -20.86 -22.12
C ILE B 14 6.78 -20.63 -23.55
N THR B 15 5.72 -19.84 -23.70
CA THR B 15 5.28 -19.39 -25.00
C THR B 15 5.75 -17.94 -25.11
N MET B 16 6.63 -17.65 -26.06
CA MET B 16 7.14 -16.31 -26.17
C MET B 16 6.14 -15.43 -26.90
N LYS B 17 6.02 -14.18 -26.47
CA LYS B 17 5.15 -13.21 -27.16
C LYS B 17 5.98 -12.05 -27.70
N HIS B 18 5.46 -10.84 -27.54
CA HIS B 18 6.12 -9.67 -28.12
C HIS B 18 7.18 -9.11 -27.18
N LYS B 19 8.15 -8.39 -27.74
CA LYS B 19 9.14 -7.70 -26.92
C LYS B 19 8.41 -6.62 -26.13
N LEU B 20 8.72 -6.52 -24.85
CA LEU B 20 8.01 -5.57 -23.98
C LEU B 20 8.69 -4.21 -23.99
N GLY B 21 7.98 -3.19 -23.49
CA GLY B 21 8.54 -1.86 -23.32
C GLY B 21 9.00 -1.18 -24.59
N GLY B 22 8.44 -1.57 -25.73
CA GLY B 22 8.81 -0.98 -27.01
C GLY B 22 10.23 -1.28 -27.43
N GLY B 23 10.80 -2.32 -26.84
CA GLY B 23 12.16 -2.73 -27.14
C GLY B 23 13.25 -1.97 -26.41
N GLN B 24 12.89 -1.05 -25.53
CA GLN B 24 13.89 -0.24 -24.83
C GLN B 24 14.82 -1.04 -23.92
N TYR B 25 14.41 -2.25 -23.53
CA TYR B 25 15.26 -3.07 -22.67
C TYR B 25 16.02 -4.17 -23.43
N GLY B 26 16.01 -4.11 -24.75
CA GLY B 26 16.68 -5.11 -25.55
C GLY B 26 15.82 -6.34 -25.70
N GLU B 27 16.45 -7.51 -25.66
CA GLU B 27 15.75 -8.77 -25.89
C GLU B 27 14.99 -9.25 -24.67
N VAL B 28 13.98 -8.46 -24.27
CA VAL B 28 13.11 -8.84 -23.18
C VAL B 28 11.69 -8.93 -23.75
N TYR B 29 11.06 -10.08 -23.52
CA TYR B 29 9.76 -10.35 -24.13
C TYR B 29 8.72 -10.63 -23.06
N GLU B 30 7.47 -10.33 -23.39
CA GLU B 30 6.35 -10.81 -22.60
C GLU B 30 6.22 -12.28 -22.98
N GLY B 31 5.92 -13.13 -22.02
CA GLY B 31 5.79 -14.54 -22.31
C GLY B 31 4.75 -15.18 -21.42
N VAL B 32 4.37 -16.41 -21.71
CA VAL B 32 3.43 -17.12 -20.85
C VAL B 32 3.99 -18.46 -20.41
N TRP B 33 3.96 -18.67 -19.10
CA TRP B 33 4.32 -19.93 -18.49
C TRP B 33 3.06 -20.78 -18.53
N LYS B 34 3.02 -21.69 -19.50
CA LYS B 34 1.82 -22.42 -19.86
C LYS B 34 1.22 -23.19 -18.69
N LYS B 35 2.07 -23.82 -17.89
CA LYS B 35 1.63 -24.63 -16.77
C LYS B 35 0.73 -23.85 -15.80
N TYR B 36 1.13 -22.63 -15.48
CA TYR B 36 0.37 -21.81 -14.54
C TYR B 36 -0.46 -20.74 -15.24
N SER B 37 -0.42 -20.75 -16.56
CA SER B 37 -1.08 -19.71 -17.36
C SER B 37 -0.58 -18.35 -16.88
N LEU B 38 0.69 -18.31 -16.45
CA LEU B 38 1.23 -17.15 -15.76
C LEU B 38 2.02 -16.27 -16.70
N THR B 39 1.64 -14.99 -16.79
CA THR B 39 2.38 -14.07 -17.63
C THR B 39 3.73 -13.80 -16.97
N VAL B 40 4.80 -13.82 -17.75
CA VAL B 40 6.14 -13.63 -17.23
C VAL B 40 6.94 -12.72 -18.15
N ALA B 41 8.10 -12.28 -17.68
CA ALA B 41 9.05 -11.53 -18.50
C ALA B 41 10.22 -12.45 -18.80
N VAL B 42 10.66 -12.47 -20.05
CA VAL B 42 11.75 -13.35 -20.46
C VAL B 42 12.86 -12.61 -21.19
N LYS B 43 14.05 -12.59 -20.61
CA LYS B 43 15.18 -12.02 -21.32
C LYS B 43 15.98 -13.12 -21.99
N THR B 44 16.36 -12.91 -23.24
CA THR B 44 17.06 -13.96 -23.97
C THR B 44 18.44 -13.58 -24.47
N LEU B 45 19.25 -14.60 -24.72
CA LEU B 45 20.56 -14.41 -25.35
C LEU B 45 20.64 -15.36 -26.54
N GLU B 51 28.88 -12.44 -24.88
CA GLU B 51 28.08 -11.86 -23.79
C GLU B 51 27.60 -12.95 -22.85
N VAL B 52 27.95 -14.20 -23.16
CA VAL B 52 27.45 -15.35 -22.42
C VAL B 52 27.85 -15.36 -20.94
N GLU B 53 29.14 -15.17 -20.64
CA GLU B 53 29.59 -15.25 -19.25
C GLU B 53 28.96 -14.15 -18.39
N GLU B 54 28.82 -12.95 -18.94
CA GLU B 54 28.19 -11.86 -18.20
C GLU B 54 26.71 -12.19 -17.95
N PHE B 55 26.08 -12.75 -18.96
CA PHE B 55 24.68 -13.14 -18.89
C PHE B 55 24.46 -14.17 -17.76
N LEU B 56 25.31 -15.19 -17.74
CA LEU B 56 25.24 -16.23 -16.73
C LEU B 56 25.54 -15.65 -15.35
N LYS B 57 26.49 -14.72 -15.28
CA LYS B 57 26.84 -14.10 -14.01
C LYS B 57 25.66 -13.33 -13.43
N GLU B 58 24.96 -12.61 -14.29
CA GLU B 58 23.78 -11.85 -13.88
C GLU B 58 22.63 -12.77 -13.45
N ALA B 59 22.43 -13.86 -14.18
CA ALA B 59 21.43 -14.83 -13.76
C ALA B 59 21.77 -15.40 -12.38
N ALA B 60 23.05 -15.71 -12.19
CA ALA B 60 23.53 -16.26 -10.93
C ALA B 60 23.26 -15.27 -9.80
N VAL B 61 23.49 -13.98 -10.04
CA VAL B 61 23.20 -12.99 -8.99
C VAL B 61 21.71 -12.96 -8.67
N MET B 62 20.88 -13.00 -9.71
CA MET B 62 19.44 -12.94 -9.50
C MET B 62 18.94 -14.12 -8.66
N LYS B 63 19.63 -15.24 -8.77
CA LYS B 63 19.29 -16.39 -7.93
C LYS B 63 19.42 -16.10 -6.42
N GLU B 64 20.35 -15.21 -6.06
CA GLU B 64 20.61 -14.91 -4.66
C GLU B 64 19.73 -13.80 -4.07
N ILE B 65 18.98 -13.12 -4.94
CA ILE B 65 18.19 -11.94 -4.56
C ILE B 65 16.78 -12.31 -4.09
N LYS B 66 16.42 -11.84 -2.91
CA LYS B 66 15.10 -12.14 -2.39
C LYS B 66 14.56 -10.92 -1.63
N HIS B 67 13.70 -10.13 -2.27
CA HIS B 67 13.14 -8.95 -1.60
C HIS B 67 11.84 -8.57 -2.28
N PRO B 68 10.83 -8.13 -1.49
CA PRO B 68 9.54 -7.78 -2.07
C PRO B 68 9.60 -6.67 -3.10
N ASN B 69 10.61 -5.81 -3.05
CA ASN B 69 10.68 -4.72 -4.01
C ASN B 69 11.83 -4.87 -5.00
N LEU B 70 12.27 -6.11 -5.18
CA LEU B 70 13.19 -6.46 -6.27
C LEU B 70 12.52 -7.50 -7.15
N VAL B 71 12.57 -7.31 -8.46
CA VAL B 71 11.91 -8.23 -9.40
C VAL B 71 12.33 -9.67 -9.12
N GLN B 72 11.35 -10.54 -8.95
CA GLN B 72 11.64 -11.91 -8.52
C GLN B 72 11.91 -12.84 -9.70
N LEU B 73 13.05 -13.53 -9.63
CA LEU B 73 13.41 -14.54 -10.61
C LEU B 73 12.51 -15.76 -10.47
N LEU B 74 12.04 -16.28 -11.59
CA LEU B 74 11.19 -17.46 -11.56
C LEU B 74 11.92 -18.67 -12.13
N GLY B 75 12.73 -18.45 -13.16
CA GLY B 75 13.40 -19.57 -13.77
C GLY B 75 14.51 -19.17 -14.70
N VAL B 76 15.22 -20.17 -15.20
CA VAL B 76 16.36 -19.90 -16.03
C VAL B 76 16.55 -21.03 -17.05
N CYS B 77 16.99 -20.69 -18.25
CA CYS B 77 17.35 -21.68 -19.28
C CYS B 77 18.79 -21.44 -19.67
N THR B 78 19.72 -22.15 -19.03
CA THR B 78 21.14 -21.89 -19.21
C THR B 78 21.88 -23.13 -19.69
N ARG B 79 21.14 -24.17 -20.03
CA ARG B 79 21.75 -25.40 -20.54
C ARG B 79 22.29 -25.20 -21.96
N GLU B 80 21.43 -24.73 -22.85
CA GLU B 80 21.79 -24.55 -24.25
C GLU B 80 21.19 -23.24 -24.79
N PRO B 81 21.82 -22.63 -25.80
CA PRO B 81 21.25 -21.42 -26.39
C PRO B 81 19.99 -21.74 -27.20
N PRO B 82 19.05 -20.80 -27.29
CA PRO B 82 19.08 -19.46 -26.67
C PRO B 82 18.88 -19.50 -25.15
N PHE B 83 19.62 -18.65 -24.45
CA PHE B 83 19.49 -18.62 -22.99
C PHE B 83 18.29 -17.79 -22.55
N TYR B 84 17.65 -18.20 -21.45
CA TYR B 84 16.49 -17.49 -20.91
C TYR B 84 16.72 -17.09 -19.46
N ILE B 85 16.24 -15.90 -19.11
CA ILE B 85 16.07 -15.51 -17.72
C ILE B 85 14.60 -15.15 -17.55
N ILE B 86 13.90 -15.90 -16.71
CA ILE B 86 12.47 -15.76 -16.54
C ILE B 86 12.14 -15.13 -15.20
N THR B 87 11.38 -14.04 -15.23
CA THR B 87 11.00 -13.32 -14.01
C THR B 87 9.50 -13.02 -13.98
N GLU B 88 9.01 -12.57 -12.84
CA GLU B 88 7.62 -12.16 -12.71
C GLU B 88 7.34 -10.99 -13.64
N PHE B 89 6.08 -10.86 -14.02
CA PHE B 89 5.65 -9.79 -14.92
C PHE B 89 4.94 -8.73 -14.10
N MET B 90 5.35 -7.47 -14.28
CA MET B 90 4.76 -6.35 -13.55
C MET B 90 3.72 -5.69 -14.44
N THR B 91 2.45 -5.89 -14.11
CA THR B 91 1.32 -5.56 -15.01
C THR B 91 1.28 -4.10 -15.46
N TYR B 92 1.67 -3.17 -14.60
CA TYR B 92 1.58 -1.75 -14.94
C TYR B 92 2.85 -1.17 -15.58
N GLY B 93 3.76 -2.04 -16.00
CA GLY B 93 4.91 -1.58 -16.78
C GLY B 93 5.93 -0.81 -15.98
N ASN B 94 6.75 -0.01 -16.66
CA ASN B 94 7.81 0.74 -16.00
C ASN B 94 7.31 2.05 -15.38
N LEU B 95 7.99 2.45 -14.29
CA LEU B 95 7.60 3.59 -13.48
C LEU B 95 7.60 4.93 -14.23
N LEU B 96 8.50 5.09 -15.19
CA LEU B 96 8.58 6.33 -15.96
C LEU B 96 7.29 6.56 -16.78
N ASP B 97 6.90 5.56 -17.57
CA ASP B 97 5.67 5.65 -18.35
C ASP B 97 4.46 5.75 -17.42
N TYR B 98 4.51 5.01 -16.32
CA TYR B 98 3.42 5.00 -15.34
C TYR B 98 3.17 6.38 -14.75
N LEU B 99 4.23 7.05 -14.35
CA LEU B 99 4.14 8.41 -13.82
C LEU B 99 3.63 9.37 -14.87
N ARG B 100 4.13 9.20 -16.09
CA ARG B 100 3.75 10.10 -17.19
C ARG B 100 2.26 9.97 -17.54
N GLU B 101 1.71 8.78 -17.38
CA GLU B 101 0.34 8.52 -17.79
C GLU B 101 -0.71 8.45 -16.67
N CYS B 102 -0.29 8.51 -15.40
CA CYS B 102 -1.26 8.26 -14.32
C CYS B 102 -2.23 9.41 -14.05
N ASN B 103 -3.27 9.08 -13.29
CA ASN B 103 -4.21 10.03 -12.72
C ASN B 103 -3.55 10.55 -11.44
N ARG B 104 -3.16 11.83 -11.45
CA ARG B 104 -2.39 12.39 -10.33
C ARG B 104 -3.22 12.59 -9.07
N GLN B 105 -4.55 12.53 -9.23
CA GLN B 105 -5.45 12.56 -8.08
C GLN B 105 -5.34 11.28 -7.28
N GLU B 106 -5.15 10.19 -8.00
CA GLU B 106 -4.93 8.87 -7.42
C GLU B 106 -3.48 8.76 -6.97
N VAL B 107 -2.57 9.01 -7.90
CA VAL B 107 -1.14 8.95 -7.61
C VAL B 107 -0.70 10.33 -7.13
N ASN B 108 -1.08 10.66 -5.89
CA ASN B 108 -0.82 11.97 -5.30
C ASN B 108 0.42 11.93 -4.41
N ALA B 109 0.63 12.96 -3.60
CA ALA B 109 1.88 13.08 -2.82
C ALA B 109 2.14 11.85 -1.93
N VAL B 110 1.11 11.35 -1.25
CA VAL B 110 1.34 10.20 -0.38
C VAL B 110 1.77 8.98 -1.21
N VAL B 111 1.19 8.78 -2.40
CA VAL B 111 1.61 7.64 -3.21
C VAL B 111 3.06 7.83 -3.70
N LEU B 112 3.45 9.06 -4.05
CA LEU B 112 4.84 9.31 -4.47
C LEU B 112 5.80 8.95 -3.33
N LEU B 113 5.41 9.30 -2.10
CA LEU B 113 6.18 8.92 -0.92
C LEU B 113 6.25 7.41 -0.78
N TYR B 114 5.12 6.76 -1.03
CA TYR B 114 5.04 5.31 -0.94
C TYR B 114 6.03 4.64 -1.91
N MET B 115 6.07 5.14 -3.14
CA MET B 115 6.98 4.59 -4.14
C MET B 115 8.42 4.76 -3.73
N ALA B 116 8.76 5.96 -3.24
CA ALA B 116 10.13 6.21 -2.80
C ALA B 116 10.52 5.32 -1.63
N THR B 117 9.58 5.08 -0.71
CA THR B 117 9.84 4.24 0.44
C THR B 117 10.13 2.80 0.01
N GLN B 118 9.32 2.29 -0.92
CA GLN B 118 9.52 0.94 -1.43
C GLN B 118 10.89 0.77 -2.14
N ILE B 119 11.19 1.72 -3.02
CA ILE B 119 12.44 1.64 -3.75
C ILE B 119 13.63 1.72 -2.77
N SER B 120 13.56 2.64 -1.81
CA SER B 120 14.67 2.77 -0.85
C SER B 120 14.78 1.50 0.01
N SER B 121 13.68 0.79 0.23
CA SER B 121 13.74 -0.48 0.97
C SER B 121 14.58 -1.50 0.18
N ALA B 122 14.27 -1.61 -1.11
CA ALA B 122 15.04 -2.52 -1.97
C ALA B 122 16.54 -2.15 -1.94
N MET B 123 16.82 -0.85 -2.06
CA MET B 123 18.21 -0.41 -2.09
C MET B 123 18.92 -0.61 -0.74
N GLU B 124 18.19 -0.49 0.37
CA GLU B 124 18.76 -0.79 1.68
C GLU B 124 19.15 -2.26 1.76
N TYR B 125 18.29 -3.11 1.18
CA TYR B 125 18.60 -4.55 1.14
C TYR B 125 19.87 -4.79 0.35
N LEU B 126 19.96 -4.20 -0.84
CA LEU B 126 21.16 -4.37 -1.66
C LEU B 126 22.40 -3.85 -0.96
N GLU B 127 22.26 -2.71 -0.29
CA GLU B 127 23.34 -2.07 0.45
C GLU B 127 23.89 -3.05 1.48
N LYS B 128 22.99 -3.67 2.23
CA LYS B 128 23.42 -4.65 3.25
C LYS B 128 24.05 -5.91 2.66
N LYS B 129 23.58 -6.35 1.49
CA LYS B 129 24.09 -7.58 0.90
C LYS B 129 25.37 -7.36 0.07
N ASN B 130 25.95 -6.16 0.15
CA ASN B 130 27.15 -5.81 -0.61
C ASN B 130 26.97 -5.97 -2.12
N PHE B 131 25.85 -5.47 -2.63
CA PHE B 131 25.62 -5.41 -4.06
C PHE B 131 25.50 -3.95 -4.43
N ILE B 132 25.72 -3.64 -5.70
CA ILE B 132 25.38 -2.30 -6.19
C ILE B 132 24.52 -2.50 -7.44
N HIS B 133 23.73 -1.48 -7.76
CA HIS B 133 22.78 -1.62 -8.85
C HIS B 133 23.34 -1.08 -10.16
N ARG B 134 23.79 0.17 -10.11
CA ARG B 134 24.45 0.87 -11.22
C ARG B 134 23.53 1.34 -12.35
N ASP B 135 22.23 1.09 -12.27
CA ASP B 135 21.35 1.71 -13.27
C ASP B 135 20.01 2.07 -12.64
N LEU B 136 20.06 2.72 -11.49
CA LEU B 136 18.84 3.14 -10.82
C LEU B 136 18.24 4.33 -11.59
N ALA B 137 16.99 4.19 -12.03
CA ALA B 137 16.27 5.24 -12.76
C ALA B 137 14.82 4.79 -12.87
N ALA B 138 13.91 5.73 -13.12
CA ALA B 138 12.51 5.36 -13.17
C ALA B 138 12.21 4.33 -14.26
N ARG B 139 12.91 4.42 -15.39
CA ARG B 139 12.71 3.46 -16.48
C ARG B 139 13.04 2.02 -16.04
N ASN B 140 13.84 1.88 -14.99
CA ASN B 140 14.23 0.56 -14.52
C ASN B 140 13.53 0.14 -13.24
N CYS B 141 12.46 0.86 -12.90
CA CYS B 141 11.57 0.47 -11.82
C CYS B 141 10.26 0.06 -12.47
N LEU B 142 9.57 -0.90 -11.86
CA LEU B 142 8.36 -1.47 -12.42
C LEU B 142 7.19 -1.33 -11.44
N VAL B 143 5.97 -1.29 -11.96
CA VAL B 143 4.79 -1.06 -11.13
C VAL B 143 3.81 -2.21 -11.25
N GLY B 144 3.30 -2.66 -10.11
CA GLY B 144 2.33 -3.73 -10.08
C GLY B 144 1.00 -3.21 -9.55
N GLU B 145 0.13 -4.13 -9.16
CA GLU B 145 -1.17 -3.77 -8.60
C GLU B 145 -1.00 -2.98 -7.29
N ASN B 146 -1.94 -2.08 -7.01
CA ASN B 146 -1.99 -1.34 -5.75
C ASN B 146 -0.72 -0.53 -5.42
N HIS B 147 -0.14 0.09 -6.44
CA HIS B 147 1.02 0.98 -6.31
C HIS B 147 2.28 0.29 -5.79
N LEU B 148 2.32 -1.03 -5.95
CA LEU B 148 3.51 -1.80 -5.61
C LEU B 148 4.60 -1.43 -6.61
N VAL B 149 5.82 -1.20 -6.14
CA VAL B 149 6.95 -0.87 -7.00
C VAL B 149 8.11 -1.83 -6.76
N LYS B 150 8.73 -2.30 -7.84
CA LYS B 150 9.90 -3.18 -7.72
C LYS B 150 11.03 -2.69 -8.59
N VAL B 151 12.25 -2.87 -8.14
CA VAL B 151 13.41 -2.49 -8.94
C VAL B 151 13.87 -3.66 -9.81
N ALA B 152 14.12 -3.40 -11.09
CA ALA B 152 14.67 -4.42 -11.99
C ALA B 152 16.08 -4.76 -11.53
N ASP B 153 16.40 -6.05 -11.50
CA ASP B 153 17.69 -6.43 -10.92
C ASP B 153 18.62 -7.24 -11.84
N PHE B 154 18.46 -7.13 -13.15
CA PHE B 154 19.51 -7.66 -14.04
C PHE B 154 20.60 -6.61 -14.07
N GLY B 155 21.84 -7.02 -13.84
CA GLY B 155 22.94 -6.08 -13.90
C GLY B 155 23.53 -5.71 -12.55
N LEU B 156 23.04 -6.31 -11.46
CA LEU B 156 23.61 -6.02 -10.14
C LEU B 156 25.04 -6.48 -10.11
N SER B 157 25.89 -5.80 -9.36
CA SER B 157 27.28 -6.24 -9.25
C SER B 157 27.58 -6.53 -7.80
N ARG B 158 28.32 -7.60 -7.54
CA ARG B 158 28.71 -7.88 -6.16
C ARG B 158 30.08 -7.28 -5.82
N LEU B 159 30.17 -6.67 -4.65
CA LEU B 159 31.45 -6.14 -4.18
C LEU B 159 32.18 -7.29 -3.50
N MET B 160 33.24 -7.79 -4.13
CA MET B 160 34.00 -8.90 -3.58
C MET B 160 34.92 -8.47 -2.44
N THR B 161 35.46 -7.26 -2.53
CA THR B 161 36.44 -6.82 -1.54
C THR B 161 36.16 -5.37 -1.01
N GLY B 162 36.26 -4.35 -1.85
CA GLY B 162 36.15 -2.99 -1.35
C GLY B 162 34.75 -2.43 -1.41
N ASP B 163 34.62 -1.11 -1.22
CA ASP B 163 33.32 -0.47 -1.35
C ASP B 163 33.12 -0.01 -2.78
N THR B 164 34.19 -0.03 -3.57
CA THR B 164 34.11 0.56 -4.90
C THR B 164 34.28 -0.45 -6.03
N PTR B 165 33.39 -0.36 -7.03
CA PTR B 165 33.44 -1.27 -8.15
C PTR B 165 33.81 -0.48 -9.40
O PTR B 165 33.16 0.51 -9.78
CB PTR B 165 32.05 -1.91 -8.29
CG PTR B 165 31.95 -2.96 -9.38
CD1 PTR B 165 31.79 -2.57 -10.71
CD2 PTR B 165 32.01 -4.31 -9.09
CE1 PTR B 165 31.70 -3.50 -11.71
CE2 PTR B 165 31.92 -5.27 -10.10
CZ PTR B 165 31.76 -4.84 -11.41
OH PTR B 165 31.67 -5.66 -12.42
P PTR B 165 31.36 -7.24 -12.32
O1P PTR B 165 30.23 -7.53 -11.30
O2P PTR B 165 30.94 -7.71 -13.72
O3P PTR B 165 32.61 -7.92 -11.91
N THR B 166 34.88 -0.92 -10.05
CA THR B 166 35.37 -0.29 -11.27
C THR B 166 34.73 -0.90 -12.52
N ALA B 167 34.04 -0.08 -13.32
CA ALA B 167 33.41 -0.55 -14.54
C ALA B 167 34.43 -0.90 -15.61
N HIS B 168 34.03 -1.73 -16.58
CA HIS B 168 34.91 -2.11 -17.67
C HIS B 168 35.43 -0.87 -18.38
N ALA B 169 36.67 -0.94 -18.84
CA ALA B 169 37.28 0.20 -19.52
C ALA B 169 36.44 0.59 -20.74
N GLY B 170 36.18 1.89 -20.88
CA GLY B 170 35.40 2.38 -21.99
C GLY B 170 33.89 2.27 -21.84
N ALA B 171 33.41 1.84 -20.69
CA ALA B 171 31.96 1.71 -20.49
C ALA B 171 31.27 3.07 -20.58
N LYS B 172 30.05 3.06 -21.13
CA LYS B 172 29.25 4.27 -21.29
C LYS B 172 28.07 4.28 -20.32
N PHE B 173 27.85 5.41 -19.67
CA PHE B 173 26.82 5.50 -18.63
C PHE B 173 25.73 6.50 -19.01
N PRO B 174 24.54 6.39 -18.39
CA PRO B 174 23.53 7.44 -18.57
C PRO B 174 23.92 8.66 -17.74
N ILE B 175 24.50 9.63 -18.43
CA ILE B 175 25.19 10.76 -17.80
C ILE B 175 24.36 11.48 -16.73
N LYS B 176 23.09 11.75 -17.04
CA LYS B 176 22.24 12.50 -16.12
C LYS B 176 21.87 11.77 -14.83
N TRP B 177 22.06 10.46 -14.77
CA TRP B 177 21.81 9.71 -13.54
C TRP B 177 23.10 9.33 -12.81
N THR B 178 24.24 9.61 -13.42
CA THR B 178 25.53 9.08 -12.96
C THR B 178 26.31 10.04 -12.05
N ALA B 179 26.75 9.54 -10.90
CA ALA B 179 27.50 10.36 -9.94
C ALA B 179 28.79 10.88 -10.56
N PRO B 180 29.27 12.05 -10.10
CA PRO B 180 30.48 12.65 -10.68
C PRO B 180 31.71 11.76 -10.63
N GLU B 181 31.93 11.05 -9.52
CA GLU B 181 33.09 10.17 -9.43
C GLU B 181 32.98 9.01 -10.42
N SER B 182 31.75 8.60 -10.73
CA SER B 182 31.54 7.55 -11.71
C SER B 182 31.82 8.06 -13.12
N LEU B 183 31.39 9.28 -13.39
CA LEU B 183 31.67 9.93 -14.67
C LEU B 183 33.16 10.12 -14.88
N ALA B 184 33.83 10.59 -13.84
CA ALA B 184 35.24 10.93 -13.91
C ALA B 184 36.16 9.71 -13.93
N TYR B 185 35.87 8.74 -13.05
CA TYR B 185 36.81 7.61 -12.85
C TYR B 185 36.25 6.21 -13.08
N ASN B 186 35.00 6.11 -13.56
CA ASN B 186 34.35 4.82 -13.78
C ASN B 186 34.25 3.99 -12.52
N LYS B 187 34.17 4.69 -11.38
CA LYS B 187 34.08 4.05 -10.06
C LYS B 187 32.64 4.11 -9.59
N PHE B 188 32.09 2.96 -9.23
CA PHE B 188 30.72 2.91 -8.76
C PHE B 188 30.71 2.33 -7.36
N SER B 189 29.69 2.69 -6.58
CA SER B 189 29.58 2.25 -5.21
C SER B 189 28.13 2.35 -4.79
N ILE B 190 27.81 1.94 -3.57
CA ILE B 190 26.44 2.12 -3.12
C ILE B 190 26.16 3.63 -3.07
N LYS B 191 27.17 4.46 -2.80
CA LYS B 191 27.00 5.93 -2.79
C LYS B 191 26.67 6.54 -4.17
N SER B 192 27.19 5.94 -5.25
CA SER B 192 26.79 6.42 -6.58
C SER B 192 25.35 5.96 -6.86
N ASP B 193 24.95 4.81 -6.30
CA ASP B 193 23.55 4.39 -6.36
C ASP B 193 22.69 5.39 -5.61
N VAL B 194 23.17 5.90 -4.47
CA VAL B 194 22.43 6.93 -3.72
C VAL B 194 22.26 8.20 -4.58
N TRP B 195 23.33 8.58 -5.30
CA TRP B 195 23.22 9.74 -6.21
C TRP B 195 22.10 9.50 -7.26
N ALA B 196 22.14 8.32 -7.89
CA ALA B 196 21.13 7.99 -8.89
C ALA B 196 19.74 8.01 -8.26
N PHE B 197 19.64 7.53 -7.01
CA PHE B 197 18.36 7.56 -6.30
C PHE B 197 17.85 8.99 -6.17
N GLY B 198 18.74 9.94 -5.94
CA GLY B 198 18.34 11.33 -5.86
C GLY B 198 17.72 11.79 -7.17
N VAL B 199 18.37 11.43 -8.27
CA VAL B 199 17.79 11.76 -9.58
C VAL B 199 16.41 11.07 -9.78
N LEU B 200 16.31 9.82 -9.36
CA LEU B 200 15.05 9.08 -9.43
C LEU B 200 13.95 9.78 -8.61
N LEU B 201 14.32 10.33 -7.45
CA LEU B 201 13.37 11.08 -6.63
C LEU B 201 12.85 12.29 -7.41
N TRP B 202 13.76 12.92 -8.14
CA TRP B 202 13.36 14.06 -8.98
C TRP B 202 12.41 13.61 -10.09
N GLU B 203 12.69 12.46 -10.70
CA GLU B 203 11.80 11.91 -11.72
C GLU B 203 10.39 11.65 -11.16
N ILE B 204 10.34 11.11 -9.95
CA ILE B 204 9.08 10.81 -9.29
C ILE B 204 8.33 12.10 -8.99
N ALA B 205 9.05 13.08 -8.44
CA ALA B 205 8.45 14.34 -8.01
C ALA B 205 7.88 15.14 -9.17
N THR B 206 8.43 14.94 -10.37
CA THR B 206 7.96 15.68 -11.54
C THR B 206 7.01 14.87 -12.40
N TYR B 207 6.60 13.70 -11.90
CA TYR B 207 5.81 12.75 -12.70
C TYR B 207 6.51 12.41 -14.02
N GLY B 208 7.81 12.16 -13.95
CA GLY B 208 8.53 11.61 -15.08
C GLY B 208 9.11 12.58 -16.09
N MET B 209 9.43 13.80 -15.65
CA MET B 209 10.10 14.75 -16.52
C MET B 209 11.55 14.30 -16.71
N SER B 210 12.17 14.70 -17.81
CA SER B 210 13.57 14.40 -18.10
C SER B 210 14.48 15.26 -17.23
N PRO B 211 15.47 14.65 -16.57
CA PRO B 211 16.33 15.48 -15.70
C PRO B 211 17.21 16.45 -16.49
N TYR B 212 17.62 17.52 -15.82
CA TYR B 212 18.43 18.58 -16.43
C TYR B 212 17.87 18.97 -17.79
N PRO B 213 16.57 19.29 -17.86
CA PRO B 213 15.98 19.51 -19.19
C PRO B 213 16.68 20.61 -19.97
N GLY B 214 17.08 20.34 -21.21
CA GLY B 214 17.66 21.35 -22.07
C GLY B 214 19.13 21.64 -21.85
N ILE B 215 19.72 20.99 -20.86
CA ILE B 215 21.13 21.19 -20.54
C ILE B 215 22.03 20.29 -21.39
N ASP B 216 23.10 20.87 -21.94
CA ASP B 216 24.08 20.13 -22.73
C ASP B 216 24.83 19.09 -21.90
N LEU B 217 24.80 17.83 -22.35
CA LEU B 217 25.47 16.74 -21.63
C LEU B 217 26.96 17.02 -21.39
N SER B 218 27.60 17.70 -22.33
CA SER B 218 29.03 17.98 -22.18
C SER B 218 29.30 18.89 -20.99
N GLN B 219 28.28 19.64 -20.58
CA GLN B 219 28.45 20.57 -19.47
C GLN B 219 28.04 19.98 -18.12
N VAL B 220 27.38 18.83 -18.12
CA VAL B 220 26.83 18.30 -16.86
C VAL B 220 27.90 18.11 -15.78
N TYR B 221 29.02 17.48 -16.12
CA TYR B 221 30.03 17.24 -15.09
C TYR B 221 30.53 18.55 -14.48
N GLU B 222 30.92 19.50 -15.32
CA GLU B 222 31.46 20.77 -14.80
C GLU B 222 30.41 21.54 -14.00
N LEU B 223 29.17 21.53 -14.49
CA LEU B 223 28.09 22.19 -13.79
C LEU B 223 27.99 21.61 -12.39
N LEU B 224 28.04 20.29 -12.30
CA LEU B 224 27.95 19.62 -11.02
C LEU B 224 29.15 19.98 -10.14
N GLU B 225 30.33 20.05 -10.75
CA GLU B 225 31.56 20.37 -10.03
C GLU B 225 31.47 21.75 -9.39
N LYS B 226 30.87 22.69 -10.11
CA LYS B 226 30.75 24.06 -9.63
C LYS B 226 29.42 24.28 -8.90
N ASP B 227 28.89 23.18 -8.38
CA ASP B 227 27.73 23.14 -7.48
C ASP B 227 26.36 23.43 -8.06
N TYR B 228 26.19 23.25 -9.37
CA TYR B 228 24.85 23.32 -9.94
C TYR B 228 24.08 22.07 -9.49
N ARG B 229 22.82 22.25 -9.10
CA ARG B 229 21.93 21.13 -8.78
C ARG B 229 20.53 21.45 -9.28
N MET B 230 19.75 20.44 -9.65
CA MET B 230 18.38 20.67 -10.08
C MET B 230 17.61 21.34 -8.95
N GLU B 231 16.77 22.29 -9.31
CA GLU B 231 15.95 23.01 -8.36
C GLU B 231 14.81 22.14 -7.87
N ARG B 232 14.20 22.55 -6.76
CA ARG B 232 13.08 21.82 -6.20
C ARG B 232 11.90 21.84 -7.16
N PRO B 233 11.37 20.67 -7.50
CA PRO B 233 10.21 20.63 -8.40
C PRO B 233 8.97 21.23 -7.78
N GLU B 234 8.08 21.75 -8.61
CA GLU B 234 6.84 22.33 -8.13
C GLU B 234 6.07 21.30 -7.33
N GLY B 235 5.63 21.67 -6.13
CA GLY B 235 4.86 20.78 -5.26
C GLY B 235 5.67 19.79 -4.43
N CYS B 236 6.98 19.77 -4.64
CA CYS B 236 7.84 18.86 -3.89
C CYS B 236 8.06 19.38 -2.46
N PRO B 237 7.75 18.56 -1.44
CA PRO B 237 7.92 19.00 -0.05
C PRO B 237 9.37 19.34 0.25
N GLU B 238 9.61 20.34 1.09
CA GLU B 238 10.98 20.77 1.34
C GLU B 238 11.84 19.65 1.92
N LYS B 239 11.28 18.81 2.80
CA LYS B 239 12.06 17.71 3.39
C LYS B 239 12.53 16.69 2.34
N VAL B 240 11.67 16.45 1.35
CA VAL B 240 12.01 15.54 0.26
C VAL B 240 13.14 16.13 -0.57
N TYR B 241 13.02 17.42 -0.89
CA TYR B 241 14.07 18.09 -1.65
C TYR B 241 15.38 18.11 -0.87
N GLU B 242 15.31 18.27 0.44
CA GLU B 242 16.51 18.20 1.27
C GLU B 242 17.20 16.85 1.11
N LEU B 243 16.40 15.78 1.08
CA LEU B 243 16.96 14.44 0.90
C LEU B 243 17.63 14.32 -0.47
N MET B 244 16.94 14.86 -1.47
CA MET B 244 17.45 14.89 -2.83
C MET B 244 18.84 15.53 -2.86
N ARG B 245 18.95 16.70 -2.26
CA ARG B 245 20.21 17.46 -2.21
C ARG B 245 21.29 16.70 -1.43
N ALA B 246 20.87 15.97 -0.41
CA ALA B 246 21.80 15.13 0.37
C ALA B 246 22.38 14.03 -0.51
N CYS B 247 21.52 13.41 -1.32
CA CYS B 247 21.95 12.38 -2.26
C CYS B 247 22.94 12.89 -3.28
N TRP B 248 22.87 14.19 -3.59
CA TRP B 248 23.74 14.80 -4.58
C TRP B 248 24.95 15.52 -3.96
N GLN B 249 25.35 15.11 -2.77
CA GLN B 249 26.59 15.68 -2.23
C GLN B 249 27.75 15.29 -3.14
N TRP B 250 28.66 16.21 -3.37
CA TRP B 250 29.80 15.97 -4.26
C TRP B 250 30.64 14.79 -3.74
N ASN B 251 30.97 14.83 -2.47
CA ASN B 251 31.77 13.76 -1.87
C ASN B 251 30.86 12.58 -1.50
N PRO B 252 31.12 11.39 -2.06
CA PRO B 252 30.26 10.22 -1.80
C PRO B 252 30.08 9.92 -0.32
N SER B 253 31.12 10.13 0.49
CA SER B 253 31.02 9.83 1.92
C SER B 253 30.06 10.78 2.64
N ASP B 254 29.76 11.92 2.02
CA ASP B 254 28.78 12.87 2.57
C ASP B 254 27.32 12.51 2.26
N ARG B 255 27.09 11.61 1.32
CA ARG B 255 25.73 11.19 0.98
C ARG B 255 25.17 10.28 2.06
N PRO B 256 23.84 10.34 2.31
CA PRO B 256 23.29 9.43 3.32
C PRO B 256 23.31 7.98 2.85
N SER B 257 23.19 7.04 3.79
CA SER B 257 23.06 5.62 3.47
C SER B 257 21.61 5.33 3.04
N PHE B 258 21.41 4.20 2.38
CA PHE B 258 20.02 3.84 2.04
C PHE B 258 19.23 3.51 3.31
N ALA B 259 19.90 3.06 4.36
CA ALA B 259 19.18 2.82 5.62
C ALA B 259 18.57 4.13 6.14
N GLU B 260 19.38 5.20 6.12
CA GLU B 260 18.92 6.53 6.53
C GLU B 260 17.81 7.07 5.62
N ILE B 261 18.01 6.89 4.32
CA ILE B 261 17.03 7.35 3.33
C ILE B 261 15.69 6.65 3.54
N HIS B 262 15.75 5.33 3.69
CA HIS B 262 14.56 4.55 3.88
C HIS B 262 13.86 4.92 5.17
N GLN B 263 14.63 5.13 6.24
CA GLN B 263 14.01 5.53 7.51
C GLN B 263 13.27 6.87 7.35
N ALA B 264 13.90 7.83 6.65
CA ALA B 264 13.28 9.14 6.45
C ALA B 264 11.99 9.06 5.63
N PHE B 265 12.05 8.33 4.51
CA PHE B 265 10.85 8.20 3.70
C PHE B 265 9.77 7.42 4.41
N GLU B 266 10.15 6.41 5.18
CA GLU B 266 9.19 5.62 5.92
C GLU B 266 8.44 6.51 6.91
N THR B 267 9.19 7.35 7.60
CA THR B 267 8.58 8.28 8.55
C THR B 267 7.61 9.23 7.84
N MET B 268 8.05 9.83 6.73
CA MET B 268 7.18 10.77 6.00
C MET B 268 5.93 10.09 5.45
N PHE B 269 6.10 8.88 4.91
CA PHE B 269 4.98 8.10 4.37
C PHE B 269 3.98 7.77 5.46
N GLN B 270 4.47 7.36 6.63
CA GLN B 270 3.58 6.99 7.72
C GLN B 270 2.83 8.18 8.29
N GLU B 271 3.44 9.36 8.26
CA GLU B 271 2.79 10.56 8.78
C GLU B 271 1.80 11.15 7.79
N SER B 272 1.81 10.63 6.57
CA SER B 272 0.92 11.09 5.51
C SER B 272 -0.39 10.30 5.43
CBB 8DW C . -12.28 -7.17 12.34
OBA 8DW C . -11.45 -7.77 13.37
CAZ 8DW C . -10.06 -7.48 13.25
CAY 8DW C . -9.54 -7.25 11.96
CAX 8DW C . -8.19 -6.96 11.80
CAW 8DW C . -7.37 -6.90 12.90
OBC 8DW C . -6.01 -6.59 12.73
SBD 8DW C . -5.47 -5.44 13.58
OBG 8DW C . -6.52 -4.36 13.82
OBF 8DW C . -4.29 -4.84 12.90
FBE 8DW C . -5.06 -6.04 14.95
CAV 8DW C . -7.87 -7.14 14.19
CAU 8DW C . -9.21 -7.44 14.36
CAT 8DW C . -9.69 -7.67 15.80
CAP 8DW C . -10.61 -8.65 16.31
CAQ 8DW C . -11.37 -9.73 15.77
CAS 8DW C . -9.32 -6.89 16.92
NAR 8DW C . -9.94 -7.35 17.99
CAO 8DW C . -10.71 -8.41 17.68
NAN 8DW C . -11.49 -9.16 18.52
CAM 8DW C . -12.20 -10.16 18.06
CAL 8DW C . -12.17 -10.48 16.69
CAE 8DW C . -13.00 -11.64 16.15
CAF 8DW C . -12.99 -12.85 16.82
CAD 8DW C . -13.78 -11.46 14.98
NAC 8DW C . -14.51 -12.44 14.48
CAB 8DW C . -14.53 -13.62 15.09
CAA 8DW C . -13.80 -13.87 16.26
CAG 8DW C . -13.85 -15.27 16.89
OAK 8DW C . -13.57 -16.20 16.12
NAH 8DW C . -14.17 -15.53 18.26
CAJ 8DW C . -14.52 -14.47 19.21
CAI 8DW C . -14.18 -16.90 18.72
CBB 8DW D . 12.83 -2.98 -16.72
OBA 8DW D . 12.16 -4.26 -16.77
CAZ 8DW D . 12.99 -5.39 -17.06
CAY 8DW D . 14.27 -5.19 -17.54
CAX 8DW D . 15.08 -6.29 -17.82
CAW 8DW D . 14.60 -7.57 -17.63
OBC 8DW D . 15.43 -8.68 -17.90
SBD 8DW D . 15.65 -9.69 -16.80
OBG 8DW D . 14.57 -10.76 -16.91
OBF 8DW D . 16.98 -10.34 -16.96
FBE 8DW D . 15.57 -9.01 -15.41
CAV 8DW D . 13.31 -7.78 -17.13
CAU 8DW D . 12.50 -6.69 -16.86
CAT 8DW D . 11.09 -7.00 -16.33
CAP 8DW D . 9.84 -6.39 -16.71
CAQ 8DW D . 9.43 -5.37 -17.60
CAS 8DW D . 10.76 -7.97 -15.36
NAR 8DW D . 9.45 -7.96 -15.17
CAO 8DW D . 8.87 -7.02 -15.95
NAN 8DW D . 7.56 -6.69 -16.05
CAM 8DW D . 7.13 -5.76 -16.87
CAL 8DW D . 8.05 -5.06 -17.67
CAE 8DW D . 7.54 -3.95 -18.63
CAF 8DW D . 6.43 -4.20 -19.44
CAD 8DW D . 8.21 -2.71 -18.69
NAC 8DW D . 7.77 -1.77 -19.52
CAB 8DW D . 6.72 -1.97 -20.30
CAA 8DW D . 6.00 -3.17 -20.30
CAG 8DW D . 4.77 -3.36 -21.24
OAK 8DW D . 4.95 -3.29 -22.46
NAH 8DW D . 3.45 -3.61 -20.74
CAJ 8DW D . 2.34 -3.79 -21.69
CAI 8DW D . 3.17 -3.70 -19.33
#